data_7Z63
#
_entry.id   7Z63
#
_cell.length_a   42.260
_cell.length_b   61.932
_cell.length_c   180.008
_cell.angle_alpha   90.000
_cell.angle_beta   90.000
_cell.angle_gamma   90.000
#
_symmetry.space_group_name_H-M   'P 21 21 21'
#
loop_
_entity.id
_entity.type
_entity.pdbx_description
1 polymer 'PA-I galactophilic lectin'
2 non-polymer 'CALCIUM ION'
3 non-polymer [3-[(2~{S},3~{R},4~{S},5~{R},6~{R})-6-(hydroxymethyl)-3,4,5-tris(oxidanyl)oxan-2-yl]sulfanyl-4-methoxy-phenyl]-(3,4,5-trimethoxyphenyl)methanone
4 non-polymer 1,2-ETHANEDIOL
5 water water
#
_entity_poly.entity_id   1
_entity_poly.type   'polypeptide(L)'
_entity_poly.pdbx_seq_one_letter_code
;AWKGEVLANNEAGQVTSIIYNPGDVITIVAAGWASYGPTQKWGPQGDREHPDQGLICHDAFCGALVMKIGNSGTIPVNTG
LFRWVAPNNVQGAITLIYNDVPGTYGNNSGSFSVNIGKDQS
;
_entity_poly.pdbx_strand_id   AAA,BBB,CCC,DDD
#
# COMPACT_ATOMS: atom_id res chain seq x y z
N ALA A 1 6.14 6.64 7.56
CA ALA A 1 5.87 7.96 6.92
C ALA A 1 6.60 9.05 7.73
N TRP A 2 6.62 10.25 7.17
CA TRP A 2 7.15 11.45 7.88
C TRP A 2 6.07 12.53 7.89
N LYS A 3 6.00 13.25 9.01
CA LYS A 3 5.05 14.36 9.17
C LYS A 3 5.80 15.48 9.86
N GLY A 4 5.74 16.65 9.30
CA GLY A 4 6.40 17.79 9.93
C GLY A 4 5.96 19.09 9.27
N GLU A 5 6.75 20.12 9.52
CA GLU A 5 6.45 21.47 9.00
C GLU A 5 7.59 21.96 8.13
N VAL A 6 7.33 22.94 7.25
CA VAL A 6 8.37 23.61 6.45
C VAL A 6 8.19 25.09 6.71
N LEU A 7 9.17 25.78 7.30
CA LEU A 7 9.02 27.24 7.60
C LEU A 7 9.32 28.02 6.35
N ALA A 8 8.53 29.07 6.06
CA ALA A 8 8.75 29.81 4.80
C ALA A 8 10.10 30.54 4.86
N ASN A 9 10.55 30.93 6.06
CA ASN A 9 11.84 31.70 6.21
C ASN A 9 13.09 30.80 6.20
N ASN A 10 12.99 29.48 5.97
CA ASN A 10 14.19 28.61 6.10
C ASN A 10 14.85 28.43 4.74
N GLU A 11 15.91 29.17 4.45
CA GLU A 11 16.55 29.09 3.12
C GLU A 11 17.12 27.69 2.89
N ALA A 12 17.53 27.00 3.96
CA ALA A 12 18.22 25.70 3.78
C ALA A 12 17.17 24.61 3.52
N GLY A 13 15.98 24.81 4.04
CA GLY A 13 14.90 23.84 3.81
C GLY A 13 14.85 22.87 4.94
N GLN A 14 13.84 22.00 4.97
CA GLN A 14 13.56 21.10 6.09
C GLN A 14 13.92 19.68 5.66
N VAL A 15 14.96 19.10 6.26
CA VAL A 15 15.28 17.68 5.95
C VAL A 15 14.18 16.79 6.50
N THR A 16 13.87 15.71 5.76
CA THR A 16 12.89 14.70 6.23
C THR A 16 13.67 13.40 6.49
N SER A 17 13.00 12.42 7.05
CA SER A 17 13.53 11.05 7.29
C SER A 17 13.32 10.21 6.03
N ILE A 18 12.71 10.73 4.98
CA ILE A 18 12.40 9.88 3.78
C ILE A 18 13.58 9.86 2.82
N ILE A 19 14.10 8.67 2.50
CA ILE A 19 15.12 8.44 1.47
C ILE A 19 14.42 7.90 0.24
N TYR A 20 14.45 8.64 -0.84
CA TYR A 20 13.88 8.17 -2.11
C TYR A 20 14.86 7.23 -2.80
N ASN A 21 14.45 5.98 -3.03
CA ASN A 21 15.28 4.97 -3.75
C ASN A 21 14.66 4.70 -5.08
N PRO A 22 15.48 4.28 -6.07
CA PRO A 22 14.97 3.84 -7.34
C PRO A 22 13.78 2.86 -7.25
N GLY A 23 12.70 3.15 -7.99
CA GLY A 23 11.47 2.34 -8.03
C GLY A 23 10.49 2.75 -6.95
N ASP A 24 10.91 3.57 -6.02
CA ASP A 24 9.97 4.00 -4.96
C ASP A 24 8.78 4.77 -5.57
N VAL A 25 7.60 4.55 -4.98
CA VAL A 25 6.37 5.32 -5.25
C VAL A 25 6.08 6.09 -3.97
N ILE A 26 5.87 7.42 -4.05
CA ILE A 26 5.60 8.20 -2.83
C ILE A 26 4.39 9.10 -3.02
N THR A 27 3.79 9.44 -1.88
CA THR A 27 2.66 10.39 -1.83
C THR A 27 3.01 11.50 -0.86
N ILE A 28 2.81 12.74 -1.27
CA ILE A 28 3.04 13.96 -0.46
C ILE A 28 1.74 14.73 -0.42
N VAL A 29 1.37 15.16 0.77
CA VAL A 29 0.20 16.10 0.93
C VAL A 29 0.73 17.27 1.73
N ALA A 30 0.53 18.46 1.19
CA ALA A 30 0.97 19.70 1.85
C ALA A 30 -0.23 20.63 2.03
N ALA A 31 -0.23 21.35 3.11
CA ALA A 31 -1.30 22.30 3.45
C ALA A 31 -0.74 23.52 4.20
N GLY A 32 -1.50 24.61 4.17
CA GLY A 32 -1.18 25.76 5.03
C GLY A 32 -1.06 27.05 4.25
N TRP A 33 -0.60 28.10 4.95
CA TRP A 33 -0.55 29.50 4.44
C TRP A 33 0.80 30.10 4.81
N ALA A 34 1.44 30.74 3.87
CA ALA A 34 2.76 31.33 4.08
C ALA A 34 2.93 32.58 3.20
N SER A 35 3.99 33.36 3.44
CA SER A 35 4.31 34.58 2.64
C SER A 35 5.80 34.68 2.37
N TYR A 36 6.16 35.19 1.21
CA TYR A 36 7.54 35.51 0.81
C TYR A 36 7.84 36.97 1.19
N GLY A 37 6.99 37.62 1.96
CA GLY A 37 7.20 39.05 2.30
C GLY A 37 5.92 39.85 2.46
N PRO A 38 5.04 39.89 1.43
CA PRO A 38 3.81 40.68 1.54
C PRO A 38 2.88 40.28 2.68
N THR A 39 1.95 41.14 2.92
CA THR A 39 0.91 40.91 3.93
C THR A 39 0.01 39.71 3.54
N GLN A 40 -0.30 39.57 2.28
CA GLN A 40 -1.16 38.44 1.85
C GLN A 40 -0.48 37.11 2.16
N LYS A 41 -1.25 36.04 2.25
CA LYS A 41 -0.61 34.70 2.33
C LYS A 41 -1.14 33.83 1.18
N TRP A 42 -0.37 32.79 0.85
CA TRP A 42 -0.63 31.89 -0.26
C TRP A 42 -0.44 30.46 0.24
N GLY A 43 -1.15 29.55 -0.36
CA GLY A 43 -0.97 28.12 -0.06
C GLY A 43 0.24 27.54 -0.76
N PRO A 44 0.39 26.20 -0.73
CA PRO A 44 1.56 25.54 -1.29
C PRO A 44 1.81 25.64 -2.80
N GLN A 45 0.84 26.17 -3.57
CA GLN A 45 1.10 26.41 -5.02
C GLN A 45 1.72 27.82 -5.21
N GLY A 46 1.78 28.58 -4.16
CA GLY A 46 2.35 29.95 -4.14
C GLY A 46 1.52 30.97 -4.88
N ASP A 47 2.19 32.01 -5.39
CA ASP A 47 1.54 33.23 -5.94
C ASP A 47 1.68 33.28 -7.45
N ARG A 48 0.63 32.87 -8.16
CA ARG A 48 0.65 32.75 -9.62
C ARG A 48 0.83 34.11 -10.33
N GLU A 49 0.76 35.23 -9.62
CA GLU A 49 0.82 36.58 -10.25
C GLU A 49 2.25 37.13 -10.10
N HIS A 50 3.08 36.56 -9.22
CA HIS A 50 4.39 37.17 -8.90
C HIS A 50 5.44 36.75 -9.90
N PRO A 51 6.23 37.70 -10.43
CA PRO A 51 7.29 37.42 -11.37
C PRO A 51 8.46 36.64 -10.70
N ASP A 52 9.13 35.85 -11.49
CA ASP A 52 10.28 35.02 -11.02
C ASP A 52 11.54 35.92 -11.06
N GLN A 53 12.08 36.30 -9.93
CA GLN A 53 13.25 37.22 -9.85
C GLN A 53 14.53 36.42 -9.52
N GLY A 54 14.53 35.12 -9.84
CA GLY A 54 15.70 34.26 -9.50
C GLY A 54 15.35 33.15 -8.50
N LEU A 55 14.12 32.62 -8.58
CA LEU A 55 13.66 31.57 -7.65
C LEU A 55 14.58 30.33 -7.67
N ILE A 56 14.66 29.66 -6.53
CA ILE A 56 15.45 28.39 -6.41
C ILE A 56 14.80 27.29 -7.25
N CYS A 57 13.51 27.42 -7.64
CA CYS A 57 12.84 26.52 -8.61
C CYS A 57 12.14 27.37 -9.66
N HIS A 58 12.56 27.27 -10.92
CA HIS A 58 11.96 28.09 -11.98
C HIS A 58 10.69 27.43 -12.51
N ASP A 59 10.34 26.23 -12.02
CA ASP A 59 9.16 25.50 -12.55
C ASP A 59 8.02 25.55 -11.54
N ALA A 60 8.13 26.38 -10.53
CA ALA A 60 7.04 26.64 -9.56
C ALA A 60 6.99 28.12 -9.22
N PHE A 61 5.85 28.57 -8.70
CA PHE A 61 5.67 29.98 -8.36
C PHE A 61 6.42 30.37 -7.09
N CYS A 62 6.68 31.66 -6.98
CA CYS A 62 7.18 32.22 -5.72
C CYS A 62 6.19 31.85 -4.61
N GLY A 63 6.65 31.25 -3.52
CA GLY A 63 5.85 30.91 -2.33
C GLY A 63 5.29 29.49 -2.44
N ALA A 64 5.67 28.76 -3.45
CA ALA A 64 5.28 27.34 -3.62
C ALA A 64 6.22 26.42 -2.81
N LEU A 65 5.73 25.21 -2.53
CA LEU A 65 6.54 24.15 -1.90
C LEU A 65 7.29 23.39 -2.96
N VAL A 66 8.59 23.19 -2.73
CA VAL A 66 9.48 22.46 -3.65
C VAL A 66 10.34 21.49 -2.82
N MET A 67 11.07 20.65 -3.49
CA MET A 67 11.95 19.67 -2.80
C MET A 67 13.21 19.43 -3.59
N LYS A 68 14.20 18.89 -2.86
CA LYS A 68 15.34 18.20 -3.47
C LYS A 68 15.36 16.75 -2.96
N ILE A 69 15.80 15.86 -3.81
CA ILE A 69 16.04 14.42 -3.47
C ILE A 69 17.56 14.24 -3.62
N GLY A 70 18.25 14.09 -2.52
CA GLY A 70 19.72 13.96 -2.59
C GLY A 70 20.29 15.24 -3.21
N ASN A 71 21.09 15.08 -4.26
CA ASN A 71 21.89 16.16 -4.87
C ASN A 71 21.06 16.81 -5.98
N SER A 72 19.76 16.46 -6.12
CA SER A 72 18.99 16.81 -7.33
C SER A 72 18.83 18.34 -7.40
N GLY A 73 18.45 18.79 -8.58
CA GLY A 73 17.81 20.10 -8.77
C GLY A 73 16.50 20.16 -8.00
N THR A 74 15.95 21.35 -7.83
CA THR A 74 14.65 21.57 -7.16
C THR A 74 13.54 20.91 -7.98
N ILE A 75 12.56 20.32 -7.29
CA ILE A 75 11.42 19.64 -7.94
C ILE A 75 10.17 20.22 -7.36
N PRO A 76 9.21 20.67 -8.18
CA PRO A 76 7.94 21.16 -7.66
C PRO A 76 7.14 20.13 -6.87
N VAL A 77 6.63 20.50 -5.72
CA VAL A 77 5.68 19.69 -4.93
C VAL A 77 4.30 20.35 -4.99
N ASN A 78 4.24 21.65 -4.78
CA ASN A 78 2.94 22.35 -4.66
C ASN A 78 2.07 21.69 -3.59
N THR A 79 0.79 21.43 -3.88
CA THR A 79 -0.12 20.76 -2.92
C THR A 79 0.27 19.31 -2.64
N GLY A 80 1.09 18.71 -3.45
CA GLY A 80 1.49 17.29 -3.23
C GLY A 80 1.70 16.51 -4.52
N LEU A 81 1.97 15.24 -4.33
CA LEU A 81 2.29 14.29 -5.41
C LEU A 81 1.55 13.01 -5.04
N PHE A 82 0.84 12.43 -6.00
CA PHE A 82 0.05 11.21 -5.74
C PHE A 82 0.69 10.02 -6.43
N ARG A 83 1.15 9.03 -5.64
CA ARG A 83 1.72 7.78 -6.18
C ARG A 83 2.73 8.14 -7.26
N TRP A 84 3.73 8.94 -6.86
CA TRP A 84 4.69 9.55 -7.78
C TRP A 84 5.98 8.74 -7.80
N VAL A 85 6.47 8.56 -9.02
CA VAL A 85 7.83 8.02 -9.29
C VAL A 85 8.70 9.11 -9.84
N ALA A 86 9.90 9.25 -9.28
CA ALA A 86 10.84 10.30 -9.73
C ALA A 86 11.10 10.10 -11.22
N PRO A 87 10.69 11.06 -12.10
CA PRO A 87 10.85 10.92 -13.55
C PRO A 87 12.34 10.93 -13.90
N ASN A 88 13.18 11.50 -13.03
CA ASN A 88 14.66 11.51 -13.26
C ASN A 88 15.37 10.44 -12.41
N ASN A 89 16.69 10.18 -12.63
CA ASN A 89 17.41 9.17 -11.80
C ASN A 89 17.97 9.84 -10.55
N VAL A 90 17.09 10.12 -9.61
CA VAL A 90 17.45 10.82 -8.36
C VAL A 90 17.30 9.82 -7.24
N GLN A 91 18.05 10.02 -6.19
CA GLN A 91 18.06 9.12 -5.04
C GLN A 91 18.48 9.97 -3.87
N GLY A 92 17.98 9.69 -2.68
CA GLY A 92 18.46 10.33 -1.48
C GLY A 92 17.41 10.96 -0.64
N ALA A 93 17.86 11.55 0.45
CA ALA A 93 16.99 12.17 1.45
C ALA A 93 16.14 13.24 0.78
N ILE A 94 14.89 13.34 1.16
CA ILE A 94 14.03 14.46 0.66
C ILE A 94 14.22 15.63 1.61
N THR A 95 14.61 16.79 1.04
CA THR A 95 14.53 18.10 1.69
C THR A 95 13.40 18.93 1.04
N LEU A 96 12.53 19.46 1.87
CA LEU A 96 11.42 20.36 1.49
C LEU A 96 11.89 21.80 1.65
N ILE A 97 11.56 22.65 0.70
CA ILE A 97 12.01 24.07 0.71
C ILE A 97 10.86 24.94 0.20
N TYR A 98 10.69 26.08 0.83
CA TYR A 98 9.86 27.21 0.32
C TYR A 98 10.55 27.89 -0.85
N ASN A 99 9.79 28.16 -1.93
CA ASN A 99 10.37 28.71 -3.15
C ASN A 99 10.48 30.23 -3.00
N ASP A 100 11.71 30.74 -2.94
CA ASP A 100 11.96 32.20 -2.84
C ASP A 100 13.30 32.44 -3.48
N VAL A 101 13.69 33.71 -3.58
CA VAL A 101 14.96 34.07 -4.24
C VAL A 101 16.08 33.94 -3.18
N PRO A 102 17.22 33.33 -3.54
CA PRO A 102 18.35 33.21 -2.61
C PRO A 102 18.67 34.57 -1.97
N GLY A 103 18.74 34.58 -0.64
CA GLY A 103 19.15 35.74 0.14
C GLY A 103 17.97 36.58 0.60
N THR A 104 16.74 36.21 0.18
CA THR A 104 15.53 37.01 0.51
C THR A 104 14.56 36.26 1.40
N TYR A 105 15.01 35.20 2.11
CA TYR A 105 14.08 34.45 2.98
C TYR A 105 13.78 35.17 4.26
N GLY A 106 14.61 36.17 4.64
CA GLY A 106 14.53 36.68 6.00
C GLY A 106 13.19 37.27 6.34
N ASN A 107 12.46 37.81 5.34
CA ASN A 107 11.17 38.49 5.62
C ASN A 107 10.00 37.53 5.40
N ASN A 108 10.28 36.24 5.21
CA ASN A 108 9.18 35.28 4.90
C ASN A 108 8.45 34.94 6.18
N SER A 109 7.22 34.46 6.10
CA SER A 109 6.38 34.17 7.28
C SER A 109 5.53 32.92 7.03
N GLY A 110 5.04 32.29 8.08
CA GLY A 110 4.08 31.18 7.94
C GLY A 110 4.80 29.86 7.72
N SER A 111 4.05 28.84 7.28
CA SER A 111 4.57 27.46 7.26
C SER A 111 3.59 26.57 6.51
N PHE A 112 4.13 25.45 5.97
CA PHE A 112 3.24 24.40 5.45
C PHE A 112 3.39 23.13 6.30
N SER A 113 2.29 22.46 6.57
N SER A 113 2.29 22.46 6.59
CA SER A 113 2.27 21.12 7.19
CA SER A 113 2.28 21.11 7.22
C SER A 113 2.37 20.08 6.09
C SER A 113 2.37 20.07 6.10
N VAL A 114 3.25 19.09 6.22
CA VAL A 114 3.57 18.19 5.11
C VAL A 114 3.58 16.74 5.62
N ASN A 115 2.91 15.84 4.90
CA ASN A 115 3.02 14.37 5.13
C ASN A 115 3.69 13.77 3.92
N ILE A 116 4.57 12.79 4.13
CA ILE A 116 5.26 12.05 3.05
C ILE A 116 5.21 10.57 3.43
N GLY A 117 4.70 9.76 2.51
CA GLY A 117 4.68 8.31 2.70
C GLY A 117 5.13 7.56 1.47
N LYS A 118 5.68 6.38 1.64
CA LYS A 118 5.99 5.47 0.52
C LYS A 118 4.75 4.59 0.29
N ASP A 119 4.41 4.40 -0.96
CA ASP A 119 3.21 3.60 -1.36
C ASP A 119 3.69 2.20 -1.66
N GLN A 120 2.72 1.30 -1.87
N GLN A 120 2.75 1.28 -1.84
CA GLN A 120 3.06 -0.06 -2.30
CA GLN A 120 3.13 -0.07 -2.23
C GLN A 120 3.69 0.06 -3.65
C GLN A 120 3.70 0.04 -3.64
N SER A 121 4.57 -0.88 -3.94
CA SER A 121 5.18 -0.95 -5.26
C SER A 121 5.67 -2.38 -5.53
N ALA B 1 -8.17 3.20 -7.96
CA ALA B 1 -8.06 4.63 -7.66
C ALA B 1 -8.89 5.43 -8.66
N TRP B 2 -9.14 6.70 -8.37
CA TRP B 2 -9.91 7.58 -9.24
C TRP B 2 -9.06 8.82 -9.51
N LYS B 3 -9.12 9.30 -10.73
CA LYS B 3 -8.48 10.58 -11.10
C LYS B 3 -9.43 11.29 -12.02
N GLY B 4 -9.65 12.57 -11.74
CA GLY B 4 -10.55 13.36 -12.59
C GLY B 4 -10.52 14.84 -12.24
N GLU B 5 -11.36 15.60 -12.93
CA GLU B 5 -11.39 17.07 -12.76
C GLU B 5 -12.67 17.45 -12.03
N VAL B 6 -12.57 18.42 -11.15
CA VAL B 6 -13.74 19.02 -10.46
C VAL B 6 -13.84 20.43 -11.02
N LEU B 7 -14.82 20.67 -11.88
CA LEU B 7 -15.05 22.01 -12.45
C LEU B 7 -15.64 22.95 -11.42
N ALA B 8 -15.11 24.16 -11.41
CA ALA B 8 -15.58 25.20 -10.48
C ALA B 8 -17.06 25.54 -10.72
N ASN B 9 -17.53 25.45 -11.96
CA ASN B 9 -18.91 25.87 -12.33
C ASN B 9 -19.88 24.69 -12.21
N ASN B 10 -19.43 23.54 -11.72
CA ASN B 10 -20.24 22.29 -11.66
C ASN B 10 -20.96 22.29 -10.31
N GLU B 11 -22.20 22.79 -10.27
CA GLU B 11 -22.85 22.94 -8.95
C GLU B 11 -23.20 21.60 -8.33
N ALA B 12 -23.48 20.59 -9.14
CA ALA B 12 -23.93 19.27 -8.66
C ALA B 12 -22.73 18.53 -8.09
N GLY B 13 -21.56 18.89 -8.56
CA GLY B 13 -20.33 18.20 -8.10
C GLY B 13 -19.96 17.04 -9.00
N GLN B 14 -18.75 16.50 -8.77
CA GLN B 14 -18.19 15.39 -9.58
C GLN B 14 -18.33 14.08 -8.79
N VAL B 15 -19.18 13.18 -9.24
CA VAL B 15 -19.28 11.84 -8.60
C VAL B 15 -18.01 11.08 -8.99
N THR B 16 -17.39 10.39 -8.05
CA THR B 16 -16.19 9.59 -8.33
C THR B 16 -16.57 8.11 -8.33
N SER B 17 -15.61 7.27 -8.66
CA SER B 17 -15.77 5.79 -8.66
C SER B 17 -15.48 5.24 -7.26
N ILE B 18 -15.21 6.10 -6.28
CA ILE B 18 -14.80 5.63 -4.93
C ILE B 18 -16.06 5.45 -4.09
N ILE B 19 -16.26 4.24 -3.60
CA ILE B 19 -17.24 3.98 -2.51
C ILE B 19 -16.46 3.87 -1.22
N TYR B 20 -16.72 4.77 -0.29
CA TYR B 20 -16.08 4.74 1.02
C TYR B 20 -16.81 3.72 1.89
N ASN B 21 -16.10 2.71 2.34
CA ASN B 21 -16.62 1.66 3.25
C ASN B 21 -16.04 1.84 4.62
N PRO B 22 -16.78 1.46 5.69
CA PRO B 22 -16.24 1.50 7.05
C PRO B 22 -14.87 0.84 7.21
N GLY B 23 -13.90 1.54 7.83
CA GLY B 23 -12.52 1.08 8.02
C GLY B 23 -11.57 1.50 6.89
N ASP B 24 -12.11 1.96 5.76
CA ASP B 24 -11.29 2.36 4.59
C ASP B 24 -10.33 3.47 5.06
N VAL B 25 -9.11 3.43 4.58
CA VAL B 25 -8.12 4.54 4.75
C VAL B 25 -7.95 5.13 3.36
N ILE B 26 -8.12 6.43 3.19
CA ILE B 26 -8.00 7.02 1.84
C ILE B 26 -6.99 8.15 1.82
N THR B 27 -6.37 8.36 0.64
CA THR B 27 -5.57 9.57 0.41
C THR B 27 -6.19 10.35 -0.75
N ILE B 28 -6.30 11.67 -0.59
CA ILE B 28 -6.71 12.59 -1.67
C ILE B 28 -5.61 13.61 -1.88
N VAL B 29 -5.27 13.85 -3.13
CA VAL B 29 -4.40 14.99 -3.50
C VAL B 29 -5.15 15.84 -4.55
N ALA B 30 -5.28 17.14 -4.32
CA ALA B 30 -5.98 18.07 -5.22
C ALA B 30 -5.02 19.20 -5.60
N ALA B 31 -5.06 19.58 -6.88
CA ALA B 31 -4.22 20.63 -7.45
C ALA B 31 -5.06 21.49 -8.43
N GLY B 32 -4.62 22.73 -8.63
CA GLY B 32 -5.09 23.51 -9.78
C GLY B 32 -5.51 24.91 -9.36
N TRP B 33 -6.21 25.58 -10.26
CA TRP B 33 -6.56 26.98 -10.11
C TRP B 33 -8.00 27.19 -10.54
N ALA B 34 -8.71 27.98 -9.79
CA ALA B 34 -10.14 28.23 -10.03
C ALA B 34 -10.60 29.54 -9.42
N SER B 35 -11.75 30.01 -9.86
CA SER B 35 -12.36 31.24 -9.33
C SER B 35 -13.86 31.02 -9.13
N TYR B 36 -14.37 31.68 -8.11
CA TYR B 36 -15.80 31.77 -7.81
C TYR B 36 -16.42 33.00 -8.53
N GLY B 37 -15.65 33.75 -9.31
CA GLY B 37 -16.17 34.92 -10.06
C GLY B 37 -15.08 35.91 -10.47
N PRO B 38 -14.25 36.36 -9.50
CA PRO B 38 -13.21 37.33 -9.80
C PRO B 38 -12.14 36.90 -10.79
N THR B 39 -11.39 37.90 -11.27
CA THR B 39 -10.27 37.70 -12.21
C THR B 39 -9.18 36.84 -11.59
N GLN B 40 -8.98 36.96 -10.28
CA GLN B 40 -7.93 36.21 -9.56
C GLN B 40 -8.28 34.72 -9.61
N LYS B 41 -7.29 33.90 -9.30
CA LYS B 41 -7.56 32.44 -9.13
C LYS B 41 -6.96 31.96 -7.84
N TRP B 42 -7.57 30.92 -7.29
CA TRP B 42 -7.16 30.34 -5.99
C TRP B 42 -7.02 28.83 -6.12
N GLY B 43 -6.14 28.27 -5.31
CA GLY B 43 -5.98 26.80 -5.20
C GLY B 43 -7.13 26.16 -4.45
N PRO B 44 -6.98 24.84 -4.16
CA PRO B 44 -7.99 24.04 -3.48
C PRO B 44 -8.26 24.46 -2.03
N GLN B 45 -7.46 25.35 -1.45
CA GLN B 45 -7.81 25.91 -0.11
C GLN B 45 -8.70 27.15 -0.23
N GLY B 46 -8.97 27.58 -1.45
CA GLY B 46 -9.84 28.73 -1.72
C GLY B 46 -9.23 30.05 -1.26
N ASP B 47 -10.07 31.00 -0.94
CA ASP B 47 -9.69 32.42 -0.70
C ASP B 47 -9.92 32.77 0.76
N ARG B 48 -8.86 32.80 1.54
CA ARG B 48 -8.97 32.98 3.02
C ARG B 48 -9.55 34.37 3.36
N GLU B 49 -9.59 35.32 2.42
CA GLU B 49 -9.97 36.74 2.71
C GLU B 49 -11.47 36.91 2.42
N HIS B 50 -12.10 35.95 1.74
CA HIS B 50 -13.47 36.14 1.23
C HIS B 50 -14.49 35.72 2.29
N PRO B 51 -15.47 36.58 2.62
CA PRO B 51 -16.45 36.20 3.62
C PRO B 51 -17.38 35.08 3.08
N ASP B 52 -17.99 34.36 4.02
CA ASP B 52 -18.96 33.28 3.76
C ASP B 52 -20.30 33.94 3.48
N GLN B 53 -20.78 33.92 2.24
CA GLN B 53 -22.10 34.53 1.84
C GLN B 53 -23.18 33.45 1.63
N GLY B 54 -23.07 32.30 2.26
CA GLY B 54 -24.04 31.17 2.21
C GLY B 54 -23.44 29.93 1.56
N LEU B 55 -22.17 29.66 1.80
CA LEU B 55 -21.42 28.54 1.15
C LEU B 55 -22.05 27.19 1.43
N ILE B 56 -21.78 26.23 0.56
CA ILE B 56 -22.27 24.85 0.78
C ILE B 56 -21.47 24.21 1.91
N CYS B 57 -20.31 24.75 2.24
CA CYS B 57 -19.45 24.25 3.36
C CYS B 57 -18.95 25.42 4.20
N HIS B 58 -19.53 25.64 5.39
CA HIS B 58 -19.22 26.80 6.25
C HIS B 58 -17.83 26.58 6.89
N ASP B 59 -17.31 25.35 6.87
CA ASP B 59 -15.99 24.94 7.46
C ASP B 59 -14.84 24.95 6.42
N ALA B 60 -15.06 25.53 5.25
CA ALA B 60 -13.98 25.75 4.26
C ALA B 60 -14.16 27.14 3.63
N PHE B 61 -13.09 27.70 3.07
CA PHE B 61 -13.20 29.02 2.37
C PHE B 61 -13.96 28.87 1.05
N CYS B 62 -14.54 30.00 0.65
CA CYS B 62 -15.09 30.13 -0.71
C CYS B 62 -13.96 29.78 -1.67
N GLY B 63 -14.24 28.95 -2.67
CA GLY B 63 -13.27 28.49 -3.68
C GLY B 63 -12.48 27.27 -3.26
N ALA B 64 -12.72 26.72 -2.07
CA ALA B 64 -12.03 25.47 -1.68
C ALA B 64 -12.72 24.22 -2.25
N LEU B 65 -11.99 23.12 -2.25
CA LEU B 65 -12.55 21.79 -2.56
C LEU B 65 -13.15 21.19 -1.30
N VAL B 66 -14.36 20.68 -1.45
CA VAL B 66 -15.04 19.90 -0.38
C VAL B 66 -15.56 18.59 -0.97
N MET B 67 -16.08 17.75 -0.10
CA MET B 67 -16.68 16.47 -0.58
C MET B 67 -17.89 16.11 0.26
N LYS B 68 -18.68 15.15 -0.26
CA LYS B 68 -19.66 14.37 0.53
C LYS B 68 -19.36 12.89 0.33
N ILE B 69 -19.68 12.12 1.35
CA ILE B 69 -19.58 10.65 1.25
C ILE B 69 -21.01 10.12 1.37
N GLY B 70 -21.54 9.50 0.32
CA GLY B 70 -22.98 9.14 0.21
C GLY B 70 -23.82 10.37 0.50
N ASN B 71 -24.70 10.29 1.49
CA ASN B 71 -25.65 11.39 1.76
C ASN B 71 -25.18 12.22 2.96
N SER B 72 -23.87 12.26 3.23
CA SER B 72 -23.28 13.07 4.33
C SER B 72 -23.43 14.55 3.98
N GLY B 73 -23.19 15.42 4.96
CA GLY B 73 -23.03 16.86 4.71
C GLY B 73 -21.68 17.09 4.05
N THR B 74 -21.39 18.31 3.66
CA THR B 74 -20.08 18.65 3.06
C THR B 74 -18.97 18.50 4.13
N ILE B 75 -17.80 18.06 3.70
CA ILE B 75 -16.56 17.84 4.49
C ILE B 75 -15.47 18.60 3.77
N PRO B 76 -14.67 19.43 4.44
CA PRO B 76 -13.54 20.06 3.77
C PRO B 76 -12.51 19.05 3.28
N VAL B 77 -11.99 19.30 2.06
CA VAL B 77 -10.87 18.52 1.48
C VAL B 77 -9.66 19.41 1.35
N ASN B 78 -9.83 20.63 0.83
CA ASN B 78 -8.72 21.57 0.59
C ASN B 78 -7.67 20.87 -0.27
N THR B 79 -6.38 20.94 0.08
CA THR B 79 -5.34 20.35 -0.76
C THR B 79 -5.41 18.81 -0.74
N GLY B 80 -6.12 18.22 0.24
CA GLY B 80 -6.22 16.76 0.28
C GLY B 80 -6.23 16.24 1.70
N LEU B 81 -6.13 14.92 1.78
CA LEU B 81 -6.24 14.20 3.07
C LEU B 81 -5.23 13.07 2.99
N PHE B 82 -4.47 12.83 4.04
CA PHE B 82 -3.39 11.81 4.02
C PHE B 82 -3.74 10.65 4.97
N ARG B 83 -3.94 9.48 4.41
CA ARG B 83 -4.26 8.22 5.15
C ARG B 83 -5.38 8.51 6.13
N TRP B 84 -6.49 9.01 5.61
CA TRP B 84 -7.61 9.55 6.41
C TRP B 84 -8.66 8.46 6.56
N VAL B 85 -9.24 8.44 7.74
CA VAL B 85 -10.36 7.54 8.08
C VAL B 85 -11.55 8.42 8.45
N ALA B 86 -12.73 8.11 7.91
CA ALA B 86 -13.95 8.90 8.18
C ALA B 86 -14.31 8.83 9.66
N PRO B 87 -14.56 9.98 10.31
CA PRO B 87 -14.87 10.01 11.74
C PRO B 87 -16.31 9.55 11.92
N ASN B 88 -17.19 10.02 11.04
CA ASN B 88 -18.64 9.76 11.17
C ASN B 88 -19.02 8.44 10.49
N ASN B 89 -20.14 7.87 10.91
CA ASN B 89 -20.71 6.66 10.26
C ASN B 89 -21.16 7.10 8.86
N VAL B 90 -20.25 7.09 7.88
CA VAL B 90 -20.62 7.48 6.50
C VAL B 90 -20.24 6.41 5.49
N GLN B 91 -20.90 6.41 4.35
CA GLN B 91 -20.66 5.28 3.45
C GLN B 91 -21.20 5.69 2.10
N GLY B 92 -20.47 5.31 1.10
CA GLY B 92 -21.03 5.46 -0.23
C GLY B 92 -20.16 6.32 -1.07
N ALA B 93 -20.73 6.75 -2.17
CA ALA B 93 -19.96 7.37 -3.22
C ALA B 93 -19.38 8.67 -2.67
N ILE B 94 -18.12 8.87 -2.99
CA ILE B 94 -17.50 10.19 -2.74
C ILE B 94 -17.86 11.07 -3.90
N THR B 95 -18.43 12.25 -3.58
CA THR B 95 -18.66 13.32 -4.55
C THR B 95 -17.76 14.51 -4.17
N LEU B 96 -17.14 15.14 -5.15
CA LEU B 96 -16.25 16.30 -4.94
C LEU B 96 -16.96 17.55 -5.44
N ILE B 97 -16.91 18.64 -4.68
CA ILE B 97 -17.65 19.87 -5.05
C ILE B 97 -16.77 21.08 -4.77
N TYR B 98 -16.81 22.04 -5.69
CA TYR B 98 -16.26 23.39 -5.49
C TYR B 98 -17.14 24.15 -4.50
N ASN B 99 -16.55 24.80 -3.51
CA ASN B 99 -17.29 25.50 -2.42
C ASN B 99 -17.67 26.89 -2.91
N ASP B 100 -18.94 27.08 -3.21
CA ASP B 100 -19.46 28.42 -3.57
C ASP B 100 -20.89 28.47 -3.02
N VAL B 101 -21.53 29.62 -3.22
CA VAL B 101 -22.92 29.86 -2.73
C VAL B 101 -23.87 29.29 -3.74
N PRO B 102 -24.83 28.44 -3.34
CA PRO B 102 -25.83 27.92 -4.27
C PRO B 102 -26.48 28.98 -5.16
N GLY B 103 -26.64 28.64 -6.42
CA GLY B 103 -27.16 29.54 -7.47
C GLY B 103 -26.16 30.53 -8.00
N THR B 104 -24.89 30.51 -7.56
CA THR B 104 -23.88 31.50 -7.98
C THR B 104 -22.70 30.84 -8.70
N TYR B 105 -22.87 29.64 -9.21
CA TYR B 105 -21.77 28.87 -9.80
C TYR B 105 -21.57 29.25 -11.27
N GLY B 106 -22.52 29.99 -11.90
CA GLY B 106 -22.46 30.19 -13.36
C GLY B 106 -21.23 30.97 -13.79
N ASN B 107 -20.77 31.88 -12.93
CA ASN B 107 -19.63 32.76 -13.29
C ASN B 107 -18.29 32.15 -12.87
N ASN B 108 -18.31 30.90 -12.47
CA ASN B 108 -17.09 30.23 -11.94
C ASN B 108 -16.23 29.78 -13.12
N SER B 109 -14.93 29.65 -12.92
CA SER B 109 -13.96 29.19 -13.94
C SER B 109 -12.81 28.37 -13.27
N GLY B 110 -12.17 27.53 -14.10
CA GLY B 110 -11.11 26.65 -13.65
C GLY B 110 -11.66 25.39 -13.07
N SER B 111 -10.75 24.58 -12.61
CA SER B 111 -11.05 23.21 -12.16
C SER B 111 -9.94 22.77 -11.25
N PHE B 112 -10.21 21.77 -10.42
CA PHE B 112 -9.11 21.10 -9.68
C PHE B 112 -8.91 19.71 -10.22
N SER B 113 -7.67 19.29 -10.42
N SER B 113 -7.67 19.29 -10.43
CA SER B 113 -7.34 17.89 -10.77
CA SER B 113 -7.34 17.89 -10.77
C SER B 113 -7.23 17.13 -9.45
C SER B 113 -7.23 17.14 -9.45
N VAL B 114 -7.93 16.02 -9.30
CA VAL B 114 -7.98 15.30 -8.00
C VAL B 114 -7.72 13.82 -8.20
N ASN B 115 -6.86 13.25 -7.34
CA ASN B 115 -6.65 11.79 -7.20
C ASN B 115 -7.18 11.35 -5.86
N ILE B 116 -7.87 10.22 -5.85
CA ILE B 116 -8.29 9.54 -4.60
C ILE B 116 -7.87 8.05 -4.75
N GLY B 117 -7.25 7.54 -3.70
CA GLY B 117 -6.88 6.11 -3.65
C GLY B 117 -7.17 5.54 -2.28
N LYS B 118 -7.44 4.24 -2.22
CA LYS B 118 -7.54 3.53 -0.92
C LYS B 118 -6.17 3.06 -0.51
N ASP B 119 -5.82 3.28 0.73
CA ASP B 119 -4.49 2.91 1.24
C ASP B 119 -4.52 1.53 1.89
N GLN B 120 -3.33 0.99 2.12
CA GLN B 120 -3.20 -0.33 2.81
C GLN B 120 -3.80 -0.18 4.19
N SER B 121 -4.54 -1.19 4.66
CA SER B 121 -5.16 -1.16 5.99
C SER B 121 -5.02 -2.56 6.57
N ALA C 1 -5.68 -4.56 9.48
CA ALA C 1 -5.43 -5.97 9.04
C ALA C 1 -5.93 -6.94 10.11
N TRP C 2 -5.79 -8.24 9.88
CA TRP C 2 -6.18 -9.26 10.88
C TRP C 2 -5.05 -10.27 10.98
N LYS C 3 -4.86 -10.77 12.19
CA LYS C 3 -3.87 -11.83 12.44
C LYS C 3 -4.55 -12.79 13.40
N GLY C 4 -4.45 -14.07 13.13
CA GLY C 4 -4.96 -15.05 14.09
C GLY C 4 -4.67 -16.47 13.70
N GLU C 5 -5.30 -17.39 14.38
CA GLU C 5 -5.01 -18.82 14.28
C GLU C 5 -6.23 -19.54 13.73
N VAL C 6 -5.98 -20.50 12.87
CA VAL C 6 -7.00 -21.36 12.24
C VAL C 6 -6.69 -22.79 12.72
N LEU C 7 -7.42 -23.27 13.73
CA LEU C 7 -7.19 -24.61 14.29
C LEU C 7 -7.80 -25.66 13.36
N ALA C 8 -7.01 -26.69 13.11
CA ALA C 8 -7.40 -27.82 12.26
C ALA C 8 -8.61 -28.57 12.83
N ASN C 9 -8.82 -28.48 14.14
CA ASN C 9 -9.94 -29.23 14.81
C ASN C 9 -11.19 -28.40 14.98
N ASN C 10 -11.26 -27.24 14.33
N ASN C 10 -11.24 -27.19 14.40
CA ASN C 10 -12.40 -26.32 14.45
CA ASN C 10 -12.44 -26.30 14.50
C ASN C 10 -13.22 -26.41 13.17
C ASN C 10 -13.22 -26.40 13.18
N GLU C 11 -14.26 -27.23 13.16
CA GLU C 11 -15.00 -27.51 11.90
C GLU C 11 -15.67 -26.25 11.38
N ALA C 12 -15.97 -25.27 12.24
CA ALA C 12 -16.67 -24.03 11.82
C ALA C 12 -15.69 -23.05 11.19
N GLY C 13 -14.42 -23.19 11.50
CA GLY C 13 -13.34 -22.31 11.04
C GLY C 13 -13.25 -21.06 11.88
N GLN C 14 -12.45 -20.11 11.45
CA GLN C 14 -12.14 -18.92 12.25
C GLN C 14 -12.74 -17.72 11.52
N VAL C 15 -13.72 -17.05 12.12
CA VAL C 15 -14.26 -15.85 11.45
C VAL C 15 -13.25 -14.75 11.69
N THR C 16 -12.82 -14.06 10.64
CA THR C 16 -11.85 -12.95 10.80
C THR C 16 -12.59 -11.62 10.91
N SER C 17 -11.84 -10.57 11.16
CA SER C 17 -12.38 -9.19 11.25
C SER C 17 -12.47 -8.55 9.87
N ILE C 18 -12.02 -9.23 8.84
CA ILE C 18 -11.97 -8.62 7.50
C ILE C 18 -13.35 -8.74 6.86
N ILE C 19 -13.92 -7.59 6.49
CA ILE C 19 -15.09 -7.50 5.63
C ILE C 19 -14.64 -7.20 4.22
N TYR C 20 -14.73 -8.18 3.35
CA TYR C 20 -14.34 -8.00 1.92
C TYR C 20 -15.44 -7.22 1.22
N ASN C 21 -15.09 -6.03 0.71
CA ASN C 21 -16.01 -5.14 -0.01
C ASN C 21 -15.67 -5.12 -1.50
N PRO C 22 -16.66 -4.84 -2.35
CA PRO C 22 -16.41 -4.78 -3.78
C PRO C 22 -15.22 -3.90 -4.08
N GLY C 23 -14.35 -4.42 -4.97
CA GLY C 23 -13.13 -3.71 -5.36
C GLY C 23 -11.94 -3.89 -4.43
N ASP C 24 -12.10 -4.44 -3.22
CA ASP C 24 -10.93 -4.49 -2.33
C ASP C 24 -9.87 -5.38 -2.99
N VAL C 25 -8.62 -5.07 -2.67
CA VAL C 25 -7.47 -5.93 -2.97
C VAL C 25 -6.93 -6.44 -1.65
N ILE C 26 -6.74 -7.73 -1.51
CA ILE C 26 -6.19 -8.27 -0.23
C ILE C 26 -4.95 -9.16 -0.45
N THR C 27 -4.17 -9.30 0.60
CA THR C 27 -3.05 -10.25 0.69
C THR C 27 -3.23 -11.11 1.93
N ILE C 28 -3.15 -12.41 1.73
CA ILE C 28 -3.22 -13.41 2.82
C ILE C 28 -1.86 -14.15 2.83
N VAL C 29 -1.27 -14.31 3.98
CA VAL C 29 -0.06 -15.14 4.16
C VAL C 29 -0.40 -16.14 5.27
N ALA C 30 -0.17 -17.43 5.01
CA ALA C 30 -0.49 -18.47 5.99
C ALA C 30 0.77 -19.27 6.22
N ALA C 31 0.96 -19.76 7.43
CA ALA C 31 2.13 -20.55 7.83
C ALA C 31 1.74 -21.59 8.86
N GLY C 32 2.49 -22.68 8.93
CA GLY C 32 2.36 -23.62 10.06
C GLY C 32 2.16 -25.05 9.64
N TRP C 33 1.91 -25.88 10.64
CA TRP C 33 1.84 -27.34 10.50
C TRP C 33 0.57 -27.87 11.21
N ALA C 34 -0.14 -28.73 10.53
CA ALA C 34 -1.44 -29.27 10.99
C ALA C 34 -1.67 -30.64 10.38
N SER C 35 -2.61 -31.39 10.99
CA SER C 35 -2.94 -32.75 10.56
C SER C 35 -4.45 -32.98 10.53
N TYR C 36 -4.86 -33.77 9.59
CA TYR C 36 -6.27 -34.23 9.49
C TYR C 36 -6.47 -35.53 10.26
N GLY C 37 -5.47 -35.98 11.05
CA GLY C 37 -5.58 -37.24 11.80
C GLY C 37 -4.26 -37.97 12.02
N PRO C 38 -3.46 -38.20 10.96
CA PRO C 38 -2.17 -38.90 11.10
C PRO C 38 -1.13 -38.19 11.95
N THR C 39 -0.09 -38.92 12.39
CA THR C 39 0.97 -38.37 13.26
C THR C 39 1.79 -37.34 12.42
N GLN C 40 1.85 -37.51 11.12
N GLN C 40 1.85 -37.52 11.12
CA GLN C 40 2.54 -36.57 10.22
CA GLN C 40 2.52 -36.59 10.16
C GLN C 40 1.80 -35.22 10.23
C GLN C 40 1.80 -35.23 10.22
N LYS C 41 2.48 -34.19 9.77
CA LYS C 41 1.85 -32.85 9.66
C LYS C 41 2.16 -32.29 8.28
N TRP C 42 1.33 -31.38 7.85
CA TRP C 42 1.40 -30.78 6.48
C TRP C 42 1.20 -29.28 6.61
N GLY C 43 1.78 -28.54 5.69
CA GLY C 43 1.56 -27.10 5.66
C GLY C 43 0.22 -26.70 5.06
N PRO C 44 0.05 -25.40 4.80
CA PRO C 44 -1.21 -24.86 4.30
C PRO C 44 -1.68 -25.35 2.94
N GLN C 45 -0.81 -26.00 2.16
CA GLN C 45 -1.24 -26.60 0.88
C GLN C 45 -1.80 -28.00 1.11
N GLY C 46 -1.69 -28.53 2.32
CA GLY C 46 -2.24 -29.84 2.63
C GLY C 46 -1.43 -31.00 2.05
N ASP C 47 -2.07 -32.15 1.88
CA ASP C 47 -1.39 -33.42 1.54
C ASP C 47 -1.78 -33.79 0.12
N ARG C 48 -0.87 -33.65 -0.82
CA ARG C 48 -1.21 -33.86 -2.27
C ARG C 48 -1.41 -35.33 -2.56
N GLU C 49 -1.08 -36.23 -1.65
CA GLU C 49 -1.22 -37.68 -1.91
C GLU C 49 -2.57 -38.22 -1.41
N HIS C 50 -3.35 -37.42 -0.69
CA HIS C 50 -4.55 -37.96 0.02
C HIS C 50 -5.74 -37.81 -0.88
N PRO C 51 -6.55 -38.87 -1.07
CA PRO C 51 -7.75 -38.72 -1.90
C PRO C 51 -8.78 -37.82 -1.21
N ASP C 52 -9.63 -37.24 -2.01
CA ASP C 52 -10.77 -36.41 -1.57
C ASP C 52 -11.93 -37.35 -1.20
N GLN C 53 -12.25 -37.44 0.07
CA GLN C 53 -13.32 -38.35 0.57
C GLN C 53 -14.57 -37.52 0.94
N GLY C 54 -14.79 -36.38 0.33
CA GLY C 54 -15.90 -35.50 0.68
C GLY C 54 -15.40 -34.25 1.38
N LEU C 55 -14.34 -33.63 0.89
CA LEU C 55 -13.78 -32.41 1.51
C LEU C 55 -14.74 -31.26 1.39
N ILE C 56 -14.64 -30.30 2.32
CA ILE C 56 -15.44 -29.05 2.18
C ILE C 56 -15.02 -28.23 0.94
N CYS C 57 -13.78 -28.38 0.49
CA CYS C 57 -13.27 -27.73 -0.73
C CYS C 57 -12.68 -28.77 -1.68
N HIS C 58 -13.36 -29.03 -2.78
CA HIS C 58 -12.87 -30.03 -3.77
C HIS C 58 -11.72 -29.49 -4.61
N ASP C 59 -11.41 -28.19 -4.51
CA ASP C 59 -10.37 -27.53 -5.33
C ASP C 59 -9.06 -27.35 -4.53
N ALA C 60 -8.95 -27.90 -3.33
CA ALA C 60 -7.70 -27.94 -2.57
C ALA C 60 -7.53 -29.32 -1.94
N PHE C 61 -6.31 -29.61 -1.54
CA PHE C 61 -6.04 -30.90 -0.87
C PHE C 61 -6.58 -30.98 0.54
N CYS C 62 -6.71 -32.22 0.98
CA CYS C 62 -7.09 -32.49 2.39
C CYS C 62 -5.97 -31.88 3.23
N GLY C 63 -6.29 -31.08 4.25
CA GLY C 63 -5.32 -30.45 5.15
C GLY C 63 -4.87 -29.08 4.65
N ALA C 64 -5.45 -28.58 3.55
CA ALA C 64 -5.19 -27.22 3.04
C ALA C 64 -6.01 -26.14 3.76
N LEU C 65 -5.55 -24.92 3.68
CA LEU C 65 -6.35 -23.78 4.16
C LEU C 65 -7.27 -23.30 3.05
N VAL C 66 -8.53 -23.08 3.39
CA VAL C 66 -9.53 -22.52 2.44
C VAL C 66 -10.30 -21.39 3.14
N MET C 67 -11.12 -20.70 2.36
CA MET C 67 -11.90 -19.58 2.96
C MET C 67 -13.29 -19.52 2.38
N LYS C 68 -14.16 -18.80 3.09
CA LYS C 68 -15.47 -18.37 2.57
C LYS C 68 -15.60 -16.86 2.77
N ILE C 69 -16.13 -16.17 1.76
CA ILE C 69 -16.35 -14.73 1.80
C ILE C 69 -17.87 -14.53 1.81
N GLY C 70 -18.40 -14.06 2.93
CA GLY C 70 -19.84 -14.00 3.14
C GLY C 70 -20.40 -15.37 2.84
N ASN C 71 -21.44 -15.45 2.00
CA ASN C 71 -22.16 -16.72 1.75
C ASN C 71 -21.57 -17.52 0.60
N SER C 72 -20.30 -17.23 0.21
CA SER C 72 -19.69 -17.96 -0.89
C SER C 72 -19.50 -19.44 -0.48
N GLY C 73 -19.23 -20.21 -1.50
CA GLY C 73 -18.63 -21.53 -1.31
C GLY C 73 -17.19 -21.37 -0.84
N THR C 74 -16.53 -22.51 -0.63
CA THR C 74 -15.10 -22.54 -0.24
C THR C 74 -14.25 -22.11 -1.41
N ILE C 75 -13.21 -21.37 -1.10
CA ILE C 75 -12.22 -20.83 -2.07
C ILE C 75 -10.86 -21.25 -1.55
N PRO C 76 -9.98 -21.86 -2.37
CA PRO C 76 -8.67 -22.25 -1.85
C PRO C 76 -7.79 -21.05 -1.50
N VAL C 77 -7.12 -21.14 -0.35
CA VAL C 77 -6.13 -20.15 0.12
C VAL C 77 -4.73 -20.75 0.02
N ASN C 78 -4.54 -21.94 0.54
CA ASN C 78 -3.21 -22.61 0.55
C ASN C 78 -2.23 -21.70 1.29
N THR C 79 -1.04 -21.44 0.77
CA THR C 79 -0.03 -20.58 1.44
C THR C 79 -0.45 -19.11 1.47
N GLY C 80 -1.44 -18.71 0.69
CA GLY C 80 -1.85 -17.32 0.66
C GLY C 80 -2.25 -16.85 -0.75
N LEU C 81 -2.61 -15.60 -0.81
CA LEU C 81 -3.07 -14.90 -2.02
C LEU C 81 -2.37 -13.54 -2.01
N PHE C 82 -1.76 -13.18 -3.14
CA PHE C 82 -1.00 -11.92 -3.30
C PHE C 82 -1.79 -10.86 -4.08
N ARG C 83 -2.13 -9.71 -3.45
CA ARG C 83 -2.87 -8.57 -4.08
C ARG C 83 -4.00 -9.14 -4.91
N TRP C 84 -4.92 -9.82 -4.23
CA TRP C 84 -5.97 -10.66 -4.83
C TRP C 84 -7.33 -9.95 -4.76
N VAL C 85 -8.06 -10.08 -5.85
CA VAL C 85 -9.43 -9.50 -5.98
C VAL C 85 -10.39 -10.65 -6.14
N ALA C 86 -11.49 -10.57 -5.41
CA ALA C 86 -12.48 -11.66 -5.37
C ALA C 86 -13.27 -11.66 -6.67
N PRO C 87 -13.97 -12.77 -6.96
CA PRO C 87 -14.94 -12.80 -8.06
C PRO C 87 -15.97 -11.69 -7.88
N ASN C 88 -16.58 -11.28 -9.00
CA ASN C 88 -17.68 -10.27 -9.01
C ASN C 88 -18.73 -10.68 -7.99
N ASN C 89 -19.20 -9.73 -7.20
CA ASN C 89 -20.45 -9.86 -6.43
C ASN C 89 -20.19 -10.78 -5.23
N VAL C 90 -18.95 -11.12 -4.93
CA VAL C 90 -18.65 -11.85 -3.69
C VAL C 90 -18.26 -10.81 -2.65
N GLN C 91 -18.85 -10.88 -1.46
CA GLN C 91 -18.57 -9.84 -0.46
C GLN C 91 -18.94 -10.39 0.91
N GLY C 92 -18.37 -9.79 1.93
CA GLY C 92 -18.69 -10.03 3.34
C GLY C 92 -17.53 -10.53 4.17
N ALA C 93 -17.82 -10.94 5.40
CA ALA C 93 -16.76 -11.39 6.32
C ALA C 93 -15.96 -12.54 5.73
N ILE C 94 -14.66 -12.55 5.93
CA ILE C 94 -13.84 -13.72 5.54
C ILE C 94 -13.75 -14.69 6.72
N THR C 95 -14.06 -15.94 6.42
CA THR C 95 -13.94 -17.08 7.33
C THR C 95 -12.81 -17.97 6.79
N LEU C 96 -11.82 -18.29 7.62
CA LEU C 96 -10.77 -19.25 7.28
C LEU C 96 -11.12 -20.62 7.84
N ILE C 97 -10.90 -21.70 7.07
CA ILE C 97 -11.28 -23.06 7.52
C ILE C 97 -10.19 -24.04 7.07
N TYR C 98 -9.89 -25.00 7.90
CA TYR C 98 -9.09 -26.18 7.53
C TYR C 98 -9.90 -27.13 6.66
N ASN C 99 -9.35 -27.62 5.52
CA ASN C 99 -10.06 -28.50 4.59
C ASN C 99 -10.02 -29.93 5.09
N ASP C 100 -11.15 -30.45 5.55
CA ASP C 100 -11.27 -31.86 5.90
C ASP C 100 -12.69 -32.34 5.53
N VAL C 101 -13.01 -33.57 5.81
CA VAL C 101 -14.37 -34.12 5.53
C VAL C 101 -15.28 -33.76 6.70
N PRO C 102 -16.49 -33.20 6.48
CA PRO C 102 -17.41 -32.95 7.59
C PRO C 102 -17.55 -34.16 8.50
N GLY C 103 -17.57 -33.89 9.80
CA GLY C 103 -17.77 -34.89 10.84
C GLY C 103 -16.50 -35.59 11.22
N THR C 104 -15.37 -35.23 10.56
CA THR C 104 -14.08 -35.92 10.77
C THR C 104 -13.03 -34.99 11.37
N TYR C 105 -13.41 -33.85 11.93
CA TYR C 105 -12.48 -32.85 12.41
C TYR C 105 -11.97 -33.15 13.81
N GLY C 106 -12.63 -34.03 14.55
CA GLY C 106 -12.31 -34.25 15.95
C GLY C 106 -10.91 -34.77 16.19
N ASN C 107 -10.32 -35.48 15.21
CA ASN C 107 -8.98 -36.05 15.38
C ASN C 107 -7.86 -35.15 14.83
N ASN C 108 -8.24 -33.95 14.40
CA ASN C 108 -7.29 -33.02 13.74
C ASN C 108 -6.39 -32.38 14.78
N SER C 109 -5.25 -31.80 14.41
CA SER C 109 -4.36 -31.14 15.40
C SER C 109 -3.53 -30.07 14.67
N GLY C 110 -2.95 -29.17 15.45
CA GLY C 110 -2.15 -28.08 14.87
C GLY C 110 -3.03 -26.98 14.31
N SER C 111 -2.41 -26.03 13.61
CA SER C 111 -3.11 -24.80 13.23
C SER C 111 -2.31 -24.09 12.17
N PHE C 112 -2.96 -23.23 11.42
CA PHE C 112 -2.28 -22.29 10.56
C PHE C 112 -2.36 -20.93 11.23
N SER C 113 -1.25 -20.21 11.18
CA SER C 113 -1.16 -18.81 11.63
C SER C 113 -1.31 -17.95 10.37
N VAL C 114 -2.25 -17.05 10.36
CA VAL C 114 -2.64 -16.33 9.11
C VAL C 114 -2.70 -14.84 9.32
N ASN C 115 -2.15 -14.10 8.37
CA ASN C 115 -2.32 -12.66 8.30
C ASN C 115 -3.18 -12.30 7.10
N ILE C 116 -4.06 -11.31 7.27
CA ILE C 116 -4.83 -10.77 6.11
C ILE C 116 -4.78 -9.26 6.17
N GLY C 117 -4.38 -8.60 5.09
CA GLY C 117 -4.43 -7.13 5.03
C GLY C 117 -5.13 -6.69 3.77
N LYS C 118 -5.75 -5.53 3.80
CA LYS C 118 -6.16 -4.82 2.57
C LYS C 118 -4.94 -4.08 1.99
N ASP C 119 -4.80 -4.20 0.69
CA ASP C 119 -3.73 -3.50 -0.07
C ASP C 119 -4.26 -2.18 -0.63
N GLN C 120 -3.34 -1.37 -1.14
CA GLN C 120 -3.72 -0.13 -1.83
C GLN C 120 -4.54 -0.48 -3.06
N SER C 121 -5.52 0.37 -3.40
CA SER C 121 -6.38 0.19 -4.60
C SER C 121 -6.85 1.56 -5.06
N ALA D 1 7.02 -4.52 -8.11
CA ALA D 1 6.80 -5.90 -7.53
C ALA D 1 7.56 -6.89 -8.41
N TRP D 2 7.63 -8.15 -7.97
CA TRP D 2 8.31 -9.21 -8.78
C TRP D 2 7.48 -10.48 -8.70
N LYS D 3 7.37 -11.19 -9.80
CA LYS D 3 6.75 -12.52 -9.80
C LYS D 3 7.59 -13.45 -10.65
N GLY D 4 7.87 -14.63 -10.13
CA GLY D 4 8.66 -15.59 -10.93
C GLY D 4 8.75 -16.95 -10.30
N GLU D 5 9.41 -17.85 -10.98
CA GLU D 5 9.56 -19.25 -10.54
C GLU D 5 10.98 -19.49 -10.02
N VAL D 6 11.09 -20.26 -8.95
CA VAL D 6 12.38 -20.64 -8.34
C VAL D 6 12.46 -22.13 -8.52
N LEU D 7 13.35 -22.58 -9.43
CA LEU D 7 13.49 -24.03 -9.64
C LEU D 7 14.32 -24.69 -8.54
N ALA D 8 13.92 -25.83 -8.10
CA ALA D 8 14.57 -26.65 -7.06
C ALA D 8 15.96 -27.11 -7.50
N ASN D 9 16.14 -27.26 -8.80
CA ASN D 9 17.38 -27.82 -9.36
C ASN D 9 18.35 -26.70 -9.73
N ASN D 10 18.12 -25.47 -9.31
CA ASN D 10 18.98 -24.31 -9.64
C ASN D 10 19.82 -23.95 -8.40
N GLU D 11 21.06 -24.42 -8.31
CA GLU D 11 21.81 -24.28 -7.02
C GLU D 11 22.02 -22.79 -6.73
N ALA D 12 22.28 -21.95 -7.77
CA ALA D 12 22.62 -20.52 -7.58
C ALA D 12 21.43 -19.71 -7.11
N GLY D 13 20.23 -20.17 -7.44
CA GLY D 13 18.95 -19.54 -7.13
C GLY D 13 18.48 -18.57 -8.19
N GLN D 14 17.38 -17.93 -7.91
CA GLN D 14 16.66 -17.05 -8.82
C GLN D 14 16.88 -15.62 -8.39
N VAL D 15 17.64 -14.83 -9.17
CA VAL D 15 17.85 -13.42 -8.76
C VAL D 15 16.56 -12.66 -9.15
N THR D 16 15.98 -11.95 -8.22
CA THR D 16 14.76 -11.17 -8.46
C THR D 16 15.13 -9.72 -8.83
N SER D 17 14.10 -8.93 -9.10
CA SER D 17 14.24 -7.50 -9.50
C SER D 17 14.17 -6.64 -8.25
N ILE D 18 13.95 -7.28 -7.09
CA ILE D 18 13.71 -6.52 -5.83
C ILE D 18 15.03 -6.15 -5.21
N ILE D 19 15.27 -4.85 -5.03
CA ILE D 19 16.43 -4.38 -4.23
C ILE D 19 15.88 -3.99 -2.86
N TYR D 20 16.22 -4.73 -1.82
CA TYR D 20 15.75 -4.39 -0.47
C TYR D 20 16.59 -3.22 0.03
N ASN D 21 15.94 -2.12 0.37
CA ASN D 21 16.60 -0.93 0.95
C ASN D 21 16.19 -0.75 2.38
N PRO D 22 17.07 -0.11 3.19
CA PRO D 22 16.78 0.23 4.56
C PRO D 22 15.41 0.90 4.67
N GLY D 23 14.58 0.38 5.57
CA GLY D 23 13.24 0.92 5.80
C GLY D 23 12.16 0.20 5.00
N ASP D 24 12.56 -0.60 4.00
CA ASP D 24 11.49 -1.20 3.14
C ASP D 24 10.66 -2.20 3.96
N VAL D 25 9.38 -2.24 3.73
CA VAL D 25 8.46 -3.25 4.31
C VAL D 25 8.09 -4.14 3.12
N ILE D 26 8.29 -5.44 3.23
CA ILE D 26 7.97 -6.34 2.06
C ILE D 26 6.98 -7.42 2.45
N THR D 27 6.26 -7.91 1.46
CA THR D 27 5.41 -9.11 1.55
C THR D 27 5.87 -10.12 0.48
N ILE D 28 5.97 -11.37 0.86
CA ILE D 28 6.28 -12.50 -0.04
C ILE D 28 5.16 -13.54 0.12
N VAL D 29 4.67 -14.08 -0.98
CA VAL D 29 3.79 -15.28 -1.02
C VAL D 29 4.45 -16.32 -1.91
N ALA D 30 4.72 -17.51 -1.36
CA ALA D 30 5.37 -18.60 -2.08
C ALA D 30 4.43 -19.78 -2.13
N ALA D 31 4.36 -20.41 -3.30
CA ALA D 31 3.46 -21.57 -3.46
C ALA D 31 4.11 -22.61 -4.36
N GLY D 32 3.65 -23.85 -4.27
CA GLY D 32 4.13 -24.85 -5.22
C GLY D 32 4.70 -26.07 -4.55
N TRP D 33 5.19 -26.99 -5.36
CA TRP D 33 5.60 -28.32 -4.93
C TRP D 33 6.94 -28.68 -5.56
N ALA D 34 7.84 -29.16 -4.75
CA ALA D 34 9.21 -29.46 -5.20
C ALA D 34 9.83 -30.59 -4.40
N SER D 35 10.92 -31.16 -4.94
CA SER D 35 11.63 -32.26 -4.25
C SER D 35 13.14 -32.04 -4.28
N TYR D 36 13.78 -32.45 -3.21
CA TYR D 36 15.26 -32.49 -3.07
C TYR D 36 15.78 -33.85 -3.57
N GLY D 37 14.93 -34.69 -4.12
CA GLY D 37 15.41 -36.00 -4.67
C GLY D 37 14.33 -37.08 -4.58
N PRO D 38 13.73 -37.34 -3.40
CA PRO D 38 12.71 -38.41 -3.30
C PRO D 38 11.49 -38.22 -4.19
N THR D 39 10.66 -39.27 -4.32
CA THR D 39 9.52 -39.22 -5.27
C THR D 39 8.42 -38.29 -4.71
N GLN D 40 8.38 -38.13 -3.41
CA GLN D 40 7.44 -37.21 -2.70
C GLN D 40 7.80 -35.78 -3.04
N LYS D 41 6.86 -34.87 -2.86
N LYS D 41 6.86 -34.87 -2.86
CA LYS D 41 7.10 -33.42 -3.05
CA LYS D 41 7.11 -33.42 -3.05
C LYS D 41 6.63 -32.67 -1.79
C LYS D 41 6.63 -32.68 -1.79
N TRP D 42 7.21 -31.52 -1.56
CA TRP D 42 6.93 -30.69 -0.38
C TRP D 42 6.73 -29.25 -0.83
N GLY D 43 5.94 -28.52 -0.02
CA GLY D 43 5.77 -27.10 -0.29
C GLY D 43 6.96 -26.27 0.20
N PRO D 44 6.81 -24.95 0.23
CA PRO D 44 7.95 -24.07 0.56
C PRO D 44 8.39 -24.07 2.03
N GLN D 45 7.68 -24.79 2.93
CA GLN D 45 8.18 -25.01 4.29
C GLN D 45 9.11 -26.21 4.29
N GLY D 46 9.16 -26.94 3.19
CA GLY D 46 10.02 -28.14 3.04
C GLY D 46 9.63 -29.30 3.94
N ASP D 47 10.58 -30.19 4.22
CA ASP D 47 10.30 -31.54 4.78
C ASP D 47 10.74 -31.54 6.24
N ARG D 48 9.81 -31.47 7.16
CA ARG D 48 10.15 -31.34 8.60
C ARG D 48 10.82 -32.61 9.17
N GLU D 49 10.80 -33.72 8.45
CA GLU D 49 11.30 -35.01 8.98
C GLU D 49 12.72 -35.25 8.49
N HIS D 50 13.26 -34.44 7.59
CA HIS D 50 14.61 -34.75 7.02
C HIS D 50 15.72 -34.09 7.86
N PRO D 51 16.75 -34.82 8.31
CA PRO D 51 17.83 -34.21 9.09
C PRO D 51 18.62 -33.27 8.18
N ASP D 52 19.30 -32.32 8.80
CA ASP D 52 20.11 -31.29 8.10
C ASP D 52 21.51 -31.89 7.86
N GLN D 53 21.85 -32.17 6.60
CA GLN D 53 23.16 -32.78 6.25
C GLN D 53 24.16 -31.75 5.69
N GLY D 54 24.06 -30.48 6.08
CA GLY D 54 24.87 -29.39 5.49
C GLY D 54 24.03 -28.55 4.52
N LEU D 55 22.81 -28.21 4.90
CA LEU D 55 21.95 -27.32 4.09
C LEU D 55 22.58 -25.93 3.96
N ILE D 56 22.23 -25.22 2.87
CA ILE D 56 22.62 -23.79 2.75
C ILE D 56 21.96 -22.91 3.82
N CYS D 57 20.83 -23.37 4.40
CA CYS D 57 20.16 -22.57 5.46
C CYS D 57 19.86 -23.53 6.61
N HIS D 58 20.56 -23.37 7.74
CA HIS D 58 20.38 -24.26 8.90
C HIS D 58 19.10 -23.89 9.65
N ASP D 59 18.46 -22.76 9.32
CA ASP D 59 17.30 -22.23 10.06
C ASP D 59 16.03 -22.61 9.33
N ALA D 60 16.10 -23.48 8.31
CA ALA D 60 14.89 -23.91 7.58
C ALA D 60 15.07 -25.37 7.17
N PHE D 61 13.97 -26.07 6.94
CA PHE D 61 14.01 -27.50 6.58
C PHE D 61 14.58 -27.70 5.16
N CYS D 62 15.08 -28.90 4.92
CA CYS D 62 15.44 -29.30 3.54
C CYS D 62 14.20 -29.19 2.65
N GLY D 63 14.34 -28.57 1.49
CA GLY D 63 13.26 -28.32 0.55
C GLY D 63 12.46 -27.08 0.82
N ALA D 64 12.81 -26.29 1.83
CA ALA D 64 12.14 -25.01 2.06
C ALA D 64 12.65 -23.95 1.07
N LEU D 65 11.87 -22.92 0.86
CA LEU D 65 12.30 -21.66 0.24
C LEU D 65 13.07 -20.80 1.22
N VAL D 66 14.25 -20.34 0.76
CA VAL D 66 15.10 -19.39 1.53
C VAL D 66 15.52 -18.25 0.63
N MET D 67 16.20 -17.28 1.18
CA MET D 67 16.65 -16.14 0.32
C MET D 67 17.98 -15.60 0.85
N LYS D 68 18.67 -14.85 -0.03
CA LYS D 68 19.76 -13.95 0.38
C LYS D 68 19.39 -12.53 -0.03
N ILE D 69 19.78 -11.58 0.79
CA ILE D 69 19.58 -10.15 0.51
C ILE D 69 21.00 -9.55 0.37
N GLY D 70 21.35 -9.11 -0.83
CA GLY D 70 22.76 -8.67 -1.10
C GLY D 70 23.72 -9.73 -0.58
N ASN D 71 24.68 -9.36 0.25
CA ASN D 71 25.78 -10.26 0.70
C ASN D 71 25.38 -11.01 1.96
N SER D 72 24.08 -11.06 2.31
CA SER D 72 23.67 -11.70 3.57
C SER D 72 23.93 -13.20 3.53
N GLY D 73 23.87 -13.82 4.68
CA GLY D 73 23.72 -15.27 4.74
C GLY D 73 22.27 -15.65 4.38
N THR D 74 21.99 -16.91 4.33
CA THR D 74 20.65 -17.40 3.97
C THR D 74 19.65 -16.98 5.06
N ILE D 75 18.45 -16.61 4.66
CA ILE D 75 17.33 -16.25 5.55
C ILE D 75 16.13 -17.08 5.10
N PRO D 76 15.42 -17.75 6.04
CA PRO D 76 14.23 -18.50 5.66
C PRO D 76 13.18 -17.59 5.03
N VAL D 77 12.45 -18.12 4.06
CA VAL D 77 11.21 -17.53 3.57
C VAL D 77 10.02 -18.44 3.93
N ASN D 78 10.17 -19.74 3.76
CA ASN D 78 9.05 -20.69 4.01
C ASN D 78 7.87 -20.23 3.16
N THR D 79 6.63 -20.14 3.67
CA THR D 79 5.46 -19.76 2.82
C THR D 79 5.51 -18.31 2.45
N GLY D 80 6.37 -17.49 3.11
CA GLY D 80 6.44 -16.06 2.86
C GLY D 80 6.53 -15.21 4.09
N LEU D 81 6.29 -13.93 3.88
CA LEU D 81 6.53 -12.85 4.84
C LEU D 81 5.39 -11.87 4.70
N PHE D 82 4.87 -11.40 5.84
CA PHE D 82 3.77 -10.39 5.82
C PHE D 82 4.29 -9.08 6.41
N ARG D 83 4.45 -8.04 5.58
CA ARG D 83 4.82 -6.67 6.03
C ARG D 83 6.03 -6.78 6.97
N TRP D 84 7.13 -7.30 6.41
CA TRP D 84 8.35 -7.66 7.11
C TRP D 84 9.46 -6.69 6.79
N VAL D 85 10.28 -6.41 7.79
CA VAL D 85 11.52 -5.58 7.64
C VAL D 85 12.75 -6.44 7.93
N ALA D 86 13.81 -6.28 7.17
CA ALA D 86 15.03 -7.08 7.33
C ALA D 86 15.80 -6.56 8.54
N PRO D 87 16.77 -7.33 9.04
CA PRO D 87 17.66 -6.80 10.07
C PRO D 87 18.44 -5.59 9.54
N ASN D 88 18.82 -4.72 10.46
CA ASN D 88 19.74 -3.61 10.14
C ASN D 88 21.00 -4.15 9.46
N ASN D 89 21.45 -3.41 8.47
CA ASN D 89 22.72 -3.70 7.74
C ASN D 89 22.52 -4.87 6.77
N VAL D 90 21.29 -5.33 6.54
CA VAL D 90 20.99 -6.29 5.44
C VAL D 90 20.29 -5.52 4.35
N GLN D 91 20.88 -5.49 3.13
CA GLN D 91 20.32 -4.69 2.04
C GLN D 91 20.85 -5.25 0.73
N GLY D 92 20.17 -4.91 -0.35
CA GLY D 92 20.55 -5.31 -1.71
C GLY D 92 19.57 -6.23 -2.41
N ALA D 93 20.02 -6.77 -3.54
CA ALA D 93 19.16 -7.61 -4.40
C ALA D 93 18.70 -8.86 -3.66
N ILE D 94 17.42 -9.21 -3.80
CA ILE D 94 16.92 -10.48 -3.21
C ILE D 94 17.16 -11.62 -4.24
N THR D 95 17.83 -12.67 -3.80
CA THR D 95 17.93 -13.95 -4.54
C THR D 95 17.15 -15.02 -3.77
N LEU D 96 16.27 -15.73 -4.47
CA LEU D 96 15.48 -16.80 -3.85
C LEU D 96 16.16 -18.13 -4.15
N ILE D 97 16.18 -19.07 -3.21
CA ILE D 97 16.97 -20.31 -3.36
C ILE D 97 16.22 -21.46 -2.69
N TYR D 98 16.18 -22.59 -3.36
CA TYR D 98 15.72 -23.86 -2.77
C TYR D 98 16.76 -24.36 -1.75
N ASN D 99 16.33 -24.71 -0.53
CA ASN D 99 17.25 -25.20 0.54
C ASN D 99 17.64 -26.66 0.32
N ASP D 100 18.89 -26.90 -0.12
CA ASP D 100 19.42 -28.27 -0.18
C ASP D 100 20.90 -28.18 0.18
N VAL D 101 21.60 -29.29 0.11
CA VAL D 101 23.05 -29.39 0.44
C VAL D 101 23.81 -29.05 -0.84
N PRO D 102 24.83 -28.16 -0.74
CA PRO D 102 25.58 -27.79 -1.95
C PRO D 102 26.09 -29.04 -2.66
N GLY D 103 26.02 -29.01 -3.99
CA GLY D 103 26.51 -30.13 -4.82
C GLY D 103 25.48 -31.24 -5.00
N THR D 104 24.28 -31.11 -4.38
CA THR D 104 23.23 -32.17 -4.43
C THR D 104 21.98 -31.67 -5.14
N TYR D 105 22.08 -30.57 -5.90
CA TYR D 105 20.87 -30.01 -6.55
C TYR D 105 20.45 -30.76 -7.79
N GLY D 106 21.32 -31.59 -8.37
CA GLY D 106 21.01 -32.08 -9.72
C GLY D 106 19.86 -33.05 -9.79
N ASN D 107 19.51 -33.68 -8.68
CA ASN D 107 18.41 -34.68 -8.66
C ASN D 107 17.09 -34.02 -8.19
N ASN D 108 17.11 -32.71 -8.01
CA ASN D 108 15.92 -31.97 -7.51
C ASN D 108 14.93 -31.77 -8.65
N SER D 109 13.65 -31.48 -8.33
CA SER D 109 12.64 -31.23 -9.35
C SER D 109 11.55 -30.30 -8.79
N GLY D 110 10.74 -29.75 -9.69
CA GLY D 110 9.65 -28.85 -9.30
C GLY D 110 10.17 -27.45 -9.02
N SER D 111 9.28 -26.58 -8.57
CA SER D 111 9.61 -25.16 -8.53
C SER D 111 8.61 -24.52 -7.59
N PHE D 112 8.97 -23.38 -7.05
CA PHE D 112 7.97 -22.56 -6.33
C PHE D 112 7.66 -21.30 -7.12
N SER D 113 6.39 -20.92 -7.16
N SER D 113 6.39 -20.92 -7.17
CA SER D 113 5.91 -19.67 -7.79
CA SER D 113 5.92 -19.67 -7.79
C SER D 113 5.88 -18.60 -6.70
C SER D 113 5.89 -18.61 -6.70
N VAL D 114 6.57 -17.48 -6.88
CA VAL D 114 6.71 -16.52 -5.77
C VAL D 114 6.33 -15.11 -6.24
N ASN D 115 5.68 -14.38 -5.34
CA ASN D 115 5.40 -12.94 -5.51
C ASN D 115 6.11 -12.19 -4.40
N ILE D 116 6.74 -11.07 -4.78
CA ILE D 116 7.36 -10.13 -3.79
C ILE D 116 6.90 -8.74 -4.12
N GLY D 117 6.38 -8.04 -3.12
CA GLY D 117 6.01 -6.63 -3.28
C GLY D 117 6.55 -5.78 -2.14
N LYS D 118 6.74 -4.49 -2.39
CA LYS D 118 7.00 -3.55 -1.28
C LYS D 118 5.67 -2.97 -0.79
N ASP D 119 5.58 -2.84 0.53
CA ASP D 119 4.36 -2.39 1.17
C ASP D 119 4.44 -0.88 1.46
N GLN D 120 3.30 -0.34 1.83
CA GLN D 120 3.23 1.06 2.24
C GLN D 120 4.06 1.25 3.52
N SER D 121 4.76 2.36 3.66
CA SER D 121 5.41 2.75 4.95
C SER D 121 4.96 4.20 5.23
#